data_3ZI1
#
_entry.id   3ZI1
#
_cell.length_a   119.291
_cell.length_b   42.918
_cell.length_c   68.103
_cell.angle_alpha   90.00
_cell.angle_beta   90.00
_cell.angle_gamma   90.00
#
_symmetry.space_group_name_H-M   'P 21 2 21'
#
loop_
_entity.id
_entity.type
_entity.pdbx_description
1 polymer 'GLYOXALASE DOMAIN-CONTAINING PROTEIN 4'
2 non-polymer 1,2-ETHANEDIOL
3 water water
#
_entity_poly.entity_id   1
_entity_poly.type   'polypeptide(L)'
_entity_poly.pdbx_seq_one_letter_code
;MHHHHHHSSGVDLGTENLYFQSMAARRALHFVFKVGNRFQTARFYRDVLGMKVLRHEEFEEGCKAACNGPYDGKWSKTMV
GFGPEDDHFVAELTYNYGVGDYKLGNDFMGITLASSQAVSNARKLEWPLTEVAEGVFETEAPGGYKFYLQNRSLPQSDPV
LKVTLAVSDLQKSLNYWCNLLGMKIYENDEEKQRALLGYADNQCKLELQGVKGGVDHAAAFGRIAFSCPQKELPDLEDLM
KRENQKILTPLVSLDTPGKATVQVVILADPDGHEICFVGDEAFRELSKMDPEGSNCWIDSKGGYGSEFELRRQACGRTRA
PPPPPLRSGC
;
_entity_poly.pdbx_strand_id   A
#
loop_
_chem_comp.id
_chem_comp.type
_chem_comp.name
_chem_comp.formula
EDO non-polymer 1,2-ETHANEDIOL 'C2 H6 O2'
#
# COMPACT_ATOMS: atom_id res chain seq x y z
N LEU A 18 19.55 -7.38 -16.81
CA LEU A 18 19.25 -8.61 -17.60
C LEU A 18 17.96 -9.40 -17.22
N TYR A 19 17.78 -9.75 -15.93
CA TYR A 19 16.64 -10.62 -15.59
C TYR A 19 15.68 -10.10 -14.50
N PHE A 20 15.84 -8.84 -14.08
CA PHE A 20 15.01 -8.37 -12.97
C PHE A 20 13.51 -8.55 -13.27
N GLN A 21 13.11 -8.25 -14.50
CA GLN A 21 11.69 -8.39 -14.90
C GLN A 21 11.12 -9.84 -14.88
N SER A 22 11.99 -10.84 -14.79
CA SER A 22 11.58 -12.23 -14.92
C SER A 22 11.75 -13.10 -13.65
N MET A 23 12.31 -12.54 -12.58
CA MET A 23 12.51 -13.35 -11.34
C MET A 23 11.19 -13.59 -10.61
N ALA A 24 11.07 -14.77 -10.01
CA ALA A 24 9.85 -15.14 -9.26
C ALA A 24 9.69 -14.45 -7.90
N ALA A 25 10.77 -14.11 -7.21
CA ALA A 25 10.63 -13.89 -5.73
C ALA A 25 10.21 -12.43 -5.44
N ARG A 26 8.93 -12.11 -5.62
CA ARG A 26 8.43 -10.74 -5.44
C ARG A 26 7.17 -10.82 -4.57
N ARG A 27 7.03 -9.89 -3.63
CA ARG A 27 5.90 -9.93 -2.66
C ARG A 27 5.39 -8.53 -2.37
N ALA A 28 4.09 -8.31 -2.61
CA ALA A 28 3.42 -7.07 -2.22
C ALA A 28 3.30 -7.01 -0.70
N LEU A 29 3.71 -5.87 -0.14
CA LEU A 29 3.82 -5.68 1.32
C LEU A 29 2.76 -4.77 1.93
N HIS A 30 2.69 -3.53 1.47
CA HIS A 30 1.85 -2.55 2.16
C HIS A 30 1.66 -1.32 1.36
N PHE A 31 0.69 -0.51 1.78
CA PHE A 31 0.55 0.80 1.20
C PHE A 31 0.72 1.82 2.32
N VAL A 32 1.41 2.92 2.03
CA VAL A 32 1.66 3.94 3.07
C VAL A 32 0.63 5.07 3.03
N PHE A 33 0.01 5.36 4.17
CA PHE A 33 -0.99 6.42 4.32
C PHE A 33 -0.50 7.50 5.29
N LYS A 34 -0.72 8.77 4.93
CA LYS A 34 -0.38 9.88 5.81
C LYS A 34 -1.58 10.18 6.69
N VAL A 35 -1.37 10.15 8.00
CA VAL A 35 -2.47 10.28 8.99
C VAL A 35 -2.39 11.60 9.70
N GLY A 36 -3.49 12.37 9.64
CA GLY A 36 -3.57 13.63 10.40
C GLY A 36 -4.32 13.45 11.71
N ASN A 37 -5.34 12.57 11.72
CA ASN A 37 -6.26 12.47 12.86
C ASN A 37 -6.14 11.07 13.44
N ARG A 38 -5.28 10.88 14.42
CA ARG A 38 -4.99 9.54 14.91
C ARG A 38 -6.19 8.89 15.64
N PHE A 39 -6.98 9.68 16.35
CA PHE A 39 -8.08 9.09 17.11
C PHE A 39 -9.17 8.54 16.19
N GLN A 40 -9.51 9.30 15.15
CA GLN A 40 -10.53 8.83 14.19
C GLN A 40 -9.94 7.69 13.36
N THR A 41 -8.63 7.72 13.12
CA THR A 41 -7.96 6.67 12.34
C THR A 41 -8.02 5.32 13.14
N ALA A 42 -7.76 5.39 14.44
CA ALA A 42 -7.86 4.20 15.31
C ALA A 42 -9.28 3.65 15.27
N ARG A 43 -10.27 4.52 15.41
CA ARG A 43 -11.67 4.09 15.30
C ARG A 43 -11.95 3.41 13.96
N PHE A 44 -11.47 3.99 12.84
CA PHE A 44 -11.74 3.39 11.55
C PHE A 44 -11.08 2.02 11.38
N TYR A 45 -9.77 1.96 11.60
CA TYR A 45 -9.03 0.74 11.33
C TYR A 45 -9.36 -0.41 12.29
N ARG A 46 -9.53 -0.09 13.56
CA ARG A 46 -9.81 -1.08 14.59
C ARG A 46 -11.30 -1.37 14.65
N ASP A 47 -12.13 -0.34 14.85
CA ASP A 47 -13.52 -0.65 15.16
C ASP A 47 -14.37 -0.85 13.92
N VAL A 48 -14.01 -0.19 12.81
CA VAL A 48 -14.74 -0.44 11.54
C VAL A 48 -14.16 -1.64 10.76
N LEU A 49 -12.90 -1.52 10.35
CA LEU A 49 -12.29 -2.56 9.54
C LEU A 49 -11.98 -3.86 10.28
N GLY A 50 -11.71 -3.78 11.60
CA GLY A 50 -11.36 -4.98 12.36
C GLY A 50 -9.90 -5.34 12.21
N MET A 51 -9.08 -4.36 11.84
CA MET A 51 -7.65 -4.59 11.76
C MET A 51 -6.99 -4.49 13.13
N LYS A 52 -5.75 -4.96 13.23
CA LYS A 52 -4.98 -4.83 14.47
C LYS A 52 -3.63 -4.20 14.22
N VAL A 53 -3.00 -3.69 15.28
CA VAL A 53 -1.64 -3.16 15.23
C VAL A 53 -0.65 -4.30 15.18
N LEU A 54 0.21 -4.29 14.15
CA LEU A 54 1.20 -5.34 13.99
C LEU A 54 2.52 -4.89 14.61
N ARG A 55 2.86 -3.61 14.41
CA ARG A 55 4.02 -3.03 15.07
C ARG A 55 3.89 -1.52 15.08
N HIS A 56 4.51 -0.88 16.05
CA HIS A 56 4.48 0.58 16.16
C HIS A 56 5.85 1.08 16.50
N GLU A 57 6.35 2.04 15.72
CA GLU A 57 7.67 2.63 15.98
C GLU A 57 7.65 4.16 16.05
N GLU A 58 8.40 4.75 17.00
CA GLU A 58 8.55 6.21 17.14
C GLU A 58 9.92 6.61 16.68
N PHE A 59 10.02 7.65 15.84
CA PHE A 59 11.30 8.12 15.29
C PHE A 59 11.50 9.57 15.75
N GLU A 60 12.69 9.89 16.24
CA GLU A 60 12.92 11.20 16.88
C GLU A 60 13.37 12.31 15.90
N PRO A 70 8.55 15.21 2.94
CA PRO A 70 9.08 16.56 3.17
C PRO A 70 8.75 17.12 4.56
N TYR A 71 8.96 16.30 5.60
CA TYR A 71 8.72 16.72 7.01
C TYR A 71 9.93 16.36 7.88
N ASP A 72 10.41 17.32 8.68
CA ASP A 72 11.72 17.22 9.35
C ASP A 72 11.71 16.66 10.78
N GLY A 73 10.56 16.73 11.44
CA GLY A 73 10.51 16.43 12.89
C GLY A 73 10.30 14.99 13.34
N LYS A 74 9.82 14.85 14.58
CA LYS A 74 9.44 13.57 15.14
C LYS A 74 8.30 12.95 14.30
N TRP A 75 8.25 11.63 14.24
CA TRP A 75 7.18 10.93 13.51
C TRP A 75 7.01 9.51 13.98
N SER A 76 5.90 8.90 13.59
CA SER A 76 5.63 7.52 14.01
C SER A 76 5.12 6.71 12.82
N LYS A 77 5.37 5.42 12.86
CA LYS A 77 4.93 4.47 11.82
C LYS A 77 4.15 3.37 12.55
N THR A 78 2.91 3.12 12.15
CA THR A 78 2.11 2.05 12.74
C THR A 78 1.66 1.12 11.62
N MET A 79 2.07 -0.14 11.67
CA MET A 79 1.66 -1.10 10.64
C MET A 79 0.38 -1.77 11.14
N VAL A 80 -0.70 -1.71 10.33
CA VAL A 80 -1.98 -2.29 10.73
CA VAL A 80 -2.03 -2.19 10.71
C VAL A 80 -2.55 -3.15 9.63
N GLY A 81 -3.08 -4.29 10.03
CA GLY A 81 -3.58 -5.26 9.04
C GLY A 81 -4.32 -6.38 9.76
N PHE A 82 -4.62 -7.43 8.99
CA PHE A 82 -5.39 -8.57 9.47
C PHE A 82 -4.49 -9.70 9.99
N GLY A 83 -3.18 -9.53 9.89
CA GLY A 83 -2.24 -10.56 10.34
C GLY A 83 -0.83 -10.17 9.99
N PRO A 84 0.15 -11.04 10.32
CA PRO A 84 1.57 -10.76 10.19
C PRO A 84 1.95 -10.31 8.78
N GLU A 85 2.88 -9.36 8.71
CA GLU A 85 3.31 -8.84 7.42
C GLU A 85 3.90 -9.90 6.48
N ASP A 86 4.38 -11.03 7.01
CA ASP A 86 4.84 -12.12 6.13
C ASP A 86 3.76 -12.62 5.15
N ASP A 87 2.50 -12.63 5.57
CA ASP A 87 1.49 -13.20 4.69
CA ASP A 87 1.42 -13.27 4.82
C ASP A 87 0.24 -12.34 4.53
N HIS A 88 0.38 -11.04 4.81
CA HIS A 88 -0.72 -10.09 4.62
C HIS A 88 -0.21 -8.85 3.93
N PHE A 89 -1.12 -8.15 3.24
CA PHE A 89 -0.86 -6.82 2.70
C PHE A 89 -1.47 -5.87 3.74
N VAL A 90 -0.67 -4.93 4.21
CA VAL A 90 -1.06 -4.11 5.38
C VAL A 90 -1.06 -2.64 5.06
N ALA A 91 -1.50 -1.83 6.02
CA ALA A 91 -1.47 -0.37 5.88
C ALA A 91 -0.34 0.13 6.76
N GLU A 92 0.55 0.95 6.21
CA GLU A 92 1.55 1.63 7.00
C GLU A 92 1.03 3.04 7.33
N LEU A 93 0.69 3.28 8.59
CA LEU A 93 0.14 4.58 8.96
C LEU A 93 1.28 5.49 9.46
N THR A 94 1.45 6.64 8.80
CA THR A 94 2.57 7.56 9.09
C THR A 94 1.97 8.78 9.76
N TYR A 95 2.51 9.14 10.94
CA TYR A 95 2.12 10.38 11.59
C TYR A 95 3.33 11.28 11.77
N ASN A 96 3.21 12.51 11.28
CA ASN A 96 4.23 13.54 11.48
C ASN A 96 3.75 14.49 12.57
N TYR A 97 4.41 14.50 13.72
CA TYR A 97 3.94 15.32 14.82
C TYR A 97 3.83 16.79 14.38
N GLY A 98 2.73 17.43 14.74
CA GLY A 98 2.51 18.79 14.29
C GLY A 98 1.85 18.94 12.92
N VAL A 99 1.55 17.83 12.23
CA VAL A 99 0.90 17.93 10.93
C VAL A 99 -0.49 17.28 11.05
N GLY A 100 -1.56 18.07 10.95
CA GLY A 100 -2.91 17.55 11.16
C GLY A 100 -3.78 17.26 9.96
N ASP A 101 -3.29 17.57 8.76
CA ASP A 101 -4.11 17.49 7.56
C ASP A 101 -3.18 17.35 6.35
N TYR A 102 -3.59 16.56 5.35
CA TYR A 102 -2.87 16.41 4.05
C TYR A 102 -3.90 16.51 2.94
N LYS A 103 -3.72 17.46 2.02
CA LYS A 103 -4.64 17.58 0.91
C LYS A 103 -4.58 16.34 0.02
N LEU A 104 -5.74 15.73 -0.22
CA LEU A 104 -5.80 14.50 -0.95
C LEU A 104 -6.04 14.78 -2.43
N GLY A 105 -5.22 14.18 -3.29
CA GLY A 105 -5.36 14.35 -4.75
C GLY A 105 -6.24 13.27 -5.33
N ASN A 106 -6.07 12.97 -6.61
CA ASN A 106 -6.90 11.96 -7.24
C ASN A 106 -6.08 10.71 -7.61
N ASP A 107 -4.86 10.62 -7.09
CA ASP A 107 -3.95 9.55 -7.43
C ASP A 107 -4.33 8.17 -6.84
N PHE A 108 -4.80 8.15 -5.60
CA PHE A 108 -5.12 6.90 -4.90
C PHE A 108 -6.61 6.68 -4.94
N MET A 109 -7.04 5.55 -5.49
CA MET A 109 -8.45 5.38 -5.77
C MET A 109 -9.06 4.34 -4.88
N GLY A 110 -8.30 3.75 -3.98
CA GLY A 110 -8.92 2.91 -2.96
C GLY A 110 -8.24 1.60 -2.66
N ILE A 111 -8.56 1.09 -1.49
CA ILE A 111 -8.17 -0.28 -1.13
C ILE A 111 -9.47 -1.05 -1.09
N THR A 112 -9.48 -2.26 -1.69
CA THR A 112 -10.67 -3.11 -1.68
C THR A 112 -10.40 -4.33 -0.80
N LEU A 113 -11.33 -4.61 0.11
CA LEU A 113 -11.16 -5.77 1.01
C LEU A 113 -12.49 -6.52 1.15
N ALA A 114 -12.42 -7.82 1.42
CA ALA A 114 -13.62 -8.60 1.56
C ALA A 114 -13.86 -8.80 3.06
N SER A 115 -14.89 -8.12 3.58
CA SER A 115 -15.31 -8.32 4.95
C SER A 115 -16.74 -7.85 5.19
N SER A 116 -17.65 -8.82 5.30
CA SER A 116 -19.02 -8.51 5.71
C SER A 116 -19.06 -7.99 7.13
N GLN A 117 -18.07 -8.39 7.95
CA GLN A 117 -18.02 -7.89 9.33
C GLN A 117 -17.70 -6.40 9.33
N ALA A 118 -16.76 -5.98 8.48
CA ALA A 118 -16.47 -4.55 8.40
C ALA A 118 -17.70 -3.73 7.98
N VAL A 119 -18.47 -4.25 7.02
CA VAL A 119 -19.75 -3.62 6.62
C VAL A 119 -20.72 -3.54 7.81
N SER A 120 -20.90 -4.65 8.51
CA SER A 120 -21.70 -4.65 9.75
C SER A 120 -21.18 -3.67 10.81
N ASN A 121 -19.86 -3.62 11.01
CA ASN A 121 -19.27 -2.65 11.96
C ASN A 121 -19.59 -1.17 11.59
N ALA A 122 -19.39 -0.82 10.32
CA ALA A 122 -19.71 0.50 9.84
C ALA A 122 -21.15 0.90 10.17
N ARG A 123 -22.09 0.00 9.88
CA ARG A 123 -23.50 0.27 10.13
C ARG A 123 -23.78 0.46 11.63
N LYS A 124 -23.19 -0.41 12.45
CA LYS A 124 -23.38 -0.34 13.91
C LYS A 124 -22.78 0.96 14.50
N LEU A 125 -21.63 1.37 13.97
CA LEU A 125 -20.93 2.58 14.42
C LEU A 125 -21.41 3.86 13.73
N GLU A 126 -22.29 3.73 12.77
CA GLU A 126 -22.75 4.82 11.92
C GLU A 126 -21.59 5.49 11.20
N TRP A 127 -20.57 4.70 10.81
CA TRP A 127 -19.50 5.23 9.94
C TRP A 127 -20.08 5.27 8.55
N PRO A 128 -20.06 6.44 7.86
CA PRO A 128 -20.81 6.51 6.60
C PRO A 128 -20.35 5.49 5.56
N LEU A 129 -21.31 4.86 4.89
CA LEU A 129 -20.98 3.92 3.85
C LEU A 129 -22.11 3.93 2.83
N THR A 130 -21.73 3.63 1.60
CA THR A 130 -22.65 3.65 0.46
C THR A 130 -22.40 2.48 -0.44
N GLU A 131 -23.48 1.78 -0.80
CA GLU A 131 -23.34 0.68 -1.75
C GLU A 131 -23.18 1.29 -3.13
N VAL A 132 -22.02 1.05 -3.74
CA VAL A 132 -21.68 1.70 -4.99
C VAL A 132 -21.67 0.70 -6.16
N ALA A 133 -21.72 -0.59 -5.85
CA ALA A 133 -21.80 -1.63 -6.85
C ALA A 133 -22.41 -2.79 -6.09
N GLU A 134 -22.94 -3.80 -6.79
CA GLU A 134 -23.63 -4.89 -6.09
C GLU A 134 -22.71 -5.51 -5.02
N GLY A 135 -23.16 -5.43 -3.76
CA GLY A 135 -22.44 -5.99 -2.62
C GLY A 135 -21.11 -5.30 -2.27
N VAL A 136 -20.89 -4.09 -2.78
CA VAL A 136 -19.65 -3.34 -2.51
C VAL A 136 -20.00 -1.98 -1.89
N PHE A 137 -19.47 -1.76 -0.69
CA PHE A 137 -19.78 -0.58 0.08
C PHE A 137 -18.57 0.31 0.21
N GLU A 138 -18.71 1.54 -0.28
CA GLU A 138 -17.65 2.54 -0.24
C GLU A 138 -17.68 3.26 1.10
N THR A 139 -16.50 3.43 1.71
CA THR A 139 -16.31 4.21 2.94
C THR A 139 -15.03 5.03 2.77
N GLU A 140 -14.82 6.02 3.63
CA GLU A 140 -13.54 6.75 3.62
C GLU A 140 -12.86 6.65 4.96
N ALA A 141 -11.55 6.38 4.96
CA ALA A 141 -10.77 6.52 6.17
C ALA A 141 -10.61 8.02 6.44
N PRO A 142 -10.26 8.41 7.68
CA PRO A 142 -9.95 9.83 7.94
C PRO A 142 -8.85 10.30 6.99
N GLY A 143 -9.04 11.48 6.40
CA GLY A 143 -8.15 11.92 5.32
C GLY A 143 -8.74 11.75 3.94
N GLY A 144 -9.76 10.91 3.82
CA GLY A 144 -10.52 10.83 2.57
C GLY A 144 -10.16 9.61 1.74
N TYR A 145 -9.21 8.81 2.21
CA TYR A 145 -8.78 7.63 1.45
C TYR A 145 -9.94 6.62 1.31
N LYS A 146 -10.25 6.22 0.10
CA LYS A 146 -11.38 5.32 -0.16
CA LYS A 146 -11.37 5.31 -0.18
C LYS A 146 -11.07 3.87 0.22
N PHE A 147 -12.02 3.24 0.92
CA PHE A 147 -11.96 1.81 1.17
C PHE A 147 -13.25 1.20 0.57
N TYR A 148 -13.14 0.12 -0.16
CA TYR A 148 -14.32 -0.55 -0.72
C TYR A 148 -14.47 -1.87 -0.02
N LEU A 149 -15.58 -2.05 0.65
CA LEU A 149 -15.79 -3.21 1.50
C LEU A 149 -16.73 -4.14 0.74
N GLN A 150 -16.22 -5.31 0.33
CA GLN A 150 -17.08 -6.30 -0.32
C GLN A 150 -17.79 -7.01 0.79
N ASN A 151 -19.11 -7.06 0.74
CA ASN A 151 -19.92 -7.60 1.83
C ASN A 151 -19.93 -9.14 1.79
N ARG A 152 -18.76 -9.75 2.00
CA ARG A 152 -18.64 -11.20 2.01
C ARG A 152 -17.39 -11.61 2.82
N SER A 153 -17.27 -12.89 3.11
CA SER A 153 -16.20 -13.38 3.96
C SER A 153 -15.43 -14.42 3.17
N LEU A 154 -14.10 -14.31 3.17
CA LEU A 154 -13.24 -15.29 2.51
C LEU A 154 -12.42 -16.02 3.56
N PRO A 155 -12.89 -17.20 4.01
CA PRO A 155 -12.10 -17.96 5.00
C PRO A 155 -10.65 -18.25 4.58
N GLN A 156 -9.76 -18.23 5.58
CA GLN A 156 -8.36 -18.64 5.43
C GLN A 156 -7.46 -17.56 4.84
N SER A 157 -8.03 -16.59 4.13
CA SER A 157 -7.17 -15.69 3.39
C SER A 157 -7.27 -14.20 3.82
N ASP A 158 -6.22 -13.43 3.51
CA ASP A 158 -6.17 -11.99 3.80
C ASP A 158 -7.41 -11.31 3.18
N PRO A 159 -8.20 -10.57 3.99
CA PRO A 159 -9.30 -9.81 3.39
C PRO A 159 -8.87 -8.80 2.33
N VAL A 160 -7.65 -8.27 2.41
CA VAL A 160 -7.23 -7.19 1.53
C VAL A 160 -7.00 -7.77 0.15
N LEU A 161 -7.71 -7.21 -0.86
CA LEU A 161 -7.69 -7.76 -2.24
C LEU A 161 -6.91 -6.99 -3.25
N LYS A 162 -7.01 -5.67 -3.23
CA LYS A 162 -6.32 -4.83 -4.20
C LYS A 162 -6.20 -3.39 -3.76
N VAL A 163 -5.22 -2.73 -4.38
CA VAL A 163 -5.03 -1.29 -4.28
CA VAL A 163 -5.09 -1.30 -4.27
C VAL A 163 -5.25 -0.77 -5.69
N THR A 164 -6.01 0.32 -5.82
CA THR A 164 -6.29 0.92 -7.11
C THR A 164 -5.63 2.30 -7.21
N LEU A 165 -4.90 2.50 -8.31
CA LEU A 165 -4.20 3.78 -8.60
C LEU A 165 -4.63 4.30 -9.95
N ALA A 166 -4.69 5.63 -10.06
CA ALA A 166 -5.08 6.32 -11.27
C ALA A 166 -3.86 6.42 -12.18
N VAL A 167 -4.07 6.20 -13.49
CA VAL A 167 -3.01 6.36 -14.49
C VAL A 167 -3.49 7.21 -15.67
N SER A 168 -2.58 7.86 -16.38
CA SER A 168 -2.97 8.71 -17.49
CA SER A 168 -2.98 8.71 -17.49
C SER A 168 -2.97 7.94 -18.81
N ASP A 169 -2.11 6.94 -18.92
CA ASP A 169 -1.96 6.17 -20.16
C ASP A 169 -1.78 4.68 -19.75
N LEU A 170 -2.85 3.91 -19.85
CA LEU A 170 -2.77 2.53 -19.36
C LEU A 170 -1.68 1.70 -20.07
N GLN A 171 -1.53 1.86 -21.38
CA GLN A 171 -0.48 1.11 -22.15
C GLN A 171 0.92 1.40 -21.62
N LYS A 172 1.22 2.68 -21.39
CA LYS A 172 2.49 3.09 -20.77
C LYS A 172 2.67 2.47 -19.37
N SER A 173 1.60 2.50 -18.57
CA SER A 173 1.66 1.98 -17.22
C SER A 173 1.85 0.46 -17.27
N LEU A 174 1.18 -0.23 -18.18
CA LEU A 174 1.37 -1.71 -18.34
C LEU A 174 2.78 -2.04 -18.75
N ASN A 175 3.31 -1.29 -19.70
CA ASN A 175 4.69 -1.57 -20.11
C ASN A 175 5.63 -1.47 -18.89
N TYR A 176 5.41 -0.50 -18.04
CA TYR A 176 6.30 -0.28 -16.90
C TYR A 176 6.07 -1.37 -15.85
N TRP A 177 4.83 -1.56 -15.43
CA TRP A 177 4.56 -2.49 -14.31
C TRP A 177 4.76 -3.97 -14.69
N CYS A 178 4.48 -4.30 -15.95
CA CYS A 178 4.62 -5.69 -16.44
C CYS A 178 5.97 -5.94 -17.07
N ASN A 179 6.36 -5.14 -18.06
CA ASN A 179 7.60 -5.43 -18.77
C ASN A 179 8.86 -5.08 -18.00
N LEU A 180 8.77 -4.08 -17.13
CA LEU A 180 9.97 -3.76 -16.33
C LEU A 180 9.90 -4.40 -14.95
N LEU A 181 8.79 -4.17 -14.24
CA LEU A 181 8.68 -4.71 -12.88
C LEU A 181 8.21 -6.17 -12.81
N GLY A 182 7.73 -6.71 -13.93
CA GLY A 182 7.42 -8.14 -14.00
C GLY A 182 6.10 -8.59 -13.38
N MET A 183 5.13 -7.67 -13.19
CA MET A 183 3.83 -8.11 -12.70
C MET A 183 3.05 -8.84 -13.81
N LYS A 184 2.14 -9.71 -13.43
CA LYS A 184 1.35 -10.44 -14.43
C LYS A 184 -0.03 -9.79 -14.51
N ILE A 185 -0.69 -9.96 -15.65
CA ILE A 185 -2.02 -9.36 -15.82
C ILE A 185 -3.10 -10.38 -15.52
N TYR A 186 -3.97 -10.01 -14.59
CA TYR A 186 -5.13 -10.83 -14.19
C TYR A 186 -6.41 -10.46 -14.91
N GLU A 187 -6.62 -9.16 -15.12
CA GLU A 187 -7.74 -8.63 -15.90
C GLU A 187 -7.21 -7.51 -16.74
N ASN A 188 -7.71 -7.37 -17.96
CA ASN A 188 -7.39 -6.21 -18.80
C ASN A 188 -8.62 -5.82 -19.59
N ASP A 189 -9.23 -4.71 -19.19
CA ASP A 189 -10.48 -4.26 -19.80
C ASP A 189 -10.20 -3.01 -20.60
N GLU A 190 -9.99 -3.21 -21.90
CA GLU A 190 -9.60 -2.14 -22.79
C GLU A 190 -10.65 -1.02 -22.85
N GLU A 191 -11.92 -1.42 -22.93
CA GLU A 191 -13.02 -0.48 -23.01
C GLU A 191 -13.06 0.47 -21.81
N LYS A 192 -12.90 -0.08 -20.60
CA LYS A 192 -12.94 0.69 -19.36
C LYS A 192 -11.58 1.24 -18.91
N GLN A 193 -10.52 0.88 -19.64
CA GLN A 193 -9.14 1.30 -19.32
C GLN A 193 -8.74 0.92 -17.88
N ARG A 194 -8.94 -0.36 -17.56
CA ARG A 194 -8.70 -0.87 -16.23
C ARG A 194 -7.93 -2.17 -16.39
N ALA A 195 -6.85 -2.32 -15.64
CA ALA A 195 -6.13 -3.60 -15.56
C ALA A 195 -5.87 -4.02 -14.11
N LEU A 196 -5.86 -5.33 -13.89
CA LEU A 196 -5.56 -5.88 -12.56
C LEU A 196 -4.29 -6.69 -12.68
N LEU A 197 -3.29 -6.34 -11.87
CA LEU A 197 -1.95 -6.91 -11.91
C LEU A 197 -1.53 -7.54 -10.60
N GLY A 198 -0.61 -8.49 -10.66
CA GLY A 198 -0.14 -9.12 -9.43
C GLY A 198 1.10 -9.97 -9.66
N TYR A 199 1.84 -10.18 -8.57
CA TYR A 199 2.98 -11.10 -8.57
C TYR A 199 2.61 -12.55 -8.27
N ALA A 200 1.43 -12.79 -7.72
CA ALA A 200 1.00 -14.14 -7.45
C ALA A 200 -0.50 -14.18 -7.19
N ASP A 201 -1.10 -15.33 -7.44
CA ASP A 201 -2.57 -15.47 -7.24
C ASP A 201 -2.97 -15.12 -5.82
N ASN A 202 -2.12 -15.49 -4.85
CA ASN A 202 -2.43 -15.29 -3.43
C ASN A 202 -1.99 -13.97 -2.81
N GLN A 203 -1.57 -13.00 -3.62
CA GLN A 203 -1.11 -11.73 -3.09
C GLN A 203 -2.12 -10.64 -3.39
N CYS A 204 -2.00 -9.54 -2.67
CA CYS A 204 -2.80 -8.36 -2.97
C CYS A 204 -2.47 -7.92 -4.41
N LYS A 205 -3.49 -7.47 -5.14
CA LYS A 205 -3.33 -7.08 -6.55
C LYS A 205 -3.22 -5.56 -6.67
N LEU A 206 -2.63 -5.07 -7.75
CA LEU A 206 -2.60 -3.65 -8.07
C LEU A 206 -3.49 -3.43 -9.30
N GLU A 207 -4.50 -2.57 -9.12
CA GLU A 207 -5.44 -2.23 -10.18
C GLU A 207 -5.06 -0.85 -10.71
N LEU A 208 -4.90 -0.74 -12.03
CA LEU A 208 -4.59 0.53 -12.67
C LEU A 208 -5.84 0.98 -13.38
N GLN A 209 -6.27 2.21 -13.12
CA GLN A 209 -7.50 2.73 -13.69
C GLN A 209 -7.17 4.02 -14.46
N GLY A 210 -7.37 4.00 -15.77
CA GLY A 210 -7.13 5.17 -16.64
C GLY A 210 -8.12 6.25 -16.24
N VAL A 211 -7.64 7.50 -16.12
CA VAL A 211 -8.50 8.63 -15.83
C VAL A 211 -8.20 9.75 -16.83
N LYS A 212 -9.14 10.67 -17.01
CA LYS A 212 -8.88 11.86 -17.83
C LYS A 212 -8.70 13.02 -16.88
N GLY A 213 -7.87 14.00 -17.25
CA GLY A 213 -7.74 15.17 -16.40
C GLY A 213 -6.45 15.25 -15.61
N GLY A 214 -5.61 14.22 -15.73
CA GLY A 214 -4.31 14.23 -15.04
C GLY A 214 -4.35 13.50 -13.71
N VAL A 215 -3.17 13.09 -13.24
CA VAL A 215 -3.03 12.47 -11.94
C VAL A 215 -2.40 13.51 -11.03
N ASP A 216 -3.14 13.93 -10.00
CA ASP A 216 -2.67 14.93 -9.05
C ASP A 216 -2.39 14.25 -7.73
N HIS A 217 -1.12 14.31 -7.30
CA HIS A 217 -0.67 13.67 -6.05
C HIS A 217 -0.89 14.54 -4.85
N ALA A 218 -1.00 15.86 -5.07
CA ALA A 218 -1.24 16.82 -3.98
C ALA A 218 -0.28 16.55 -2.80
N ALA A 219 -0.81 16.45 -1.58
CA ALA A 219 0.04 16.29 -0.40
C ALA A 219 -0.11 14.93 0.26
N ALA A 220 -1.21 14.23 0.03
CA ALA A 220 -1.52 12.97 0.78
C ALA A 220 -1.03 11.72 0.02
N PHE A 221 -0.22 11.90 -1.01
CA PHE A 221 0.18 10.76 -1.83
C PHE A 221 0.91 9.72 -0.97
N GLY A 222 0.69 8.45 -1.30
CA GLY A 222 1.29 7.38 -0.52
C GLY A 222 2.42 6.73 -1.29
N ARG A 223 2.61 5.43 -1.03
CA ARG A 223 3.71 4.69 -1.59
C ARG A 223 3.33 3.22 -1.47
N ILE A 224 3.58 2.43 -2.50
CA ILE A 224 3.25 1.02 -2.42
C ILE A 224 4.58 0.28 -2.28
N ALA A 225 4.65 -0.75 -1.44
CA ALA A 225 5.92 -1.42 -1.22
C ALA A 225 5.86 -2.92 -1.55
N PHE A 226 6.99 -3.40 -2.06
CA PHE A 226 7.21 -4.77 -2.46
C PHE A 226 8.59 -5.18 -1.96
N SER A 227 8.76 -6.48 -1.71
CA SER A 227 10.10 -6.96 -1.41
C SER A 227 10.66 -7.82 -2.58
N CYS A 228 11.99 -7.95 -2.62
CA CYS A 228 12.68 -8.81 -3.56
C CYS A 228 13.99 -9.20 -2.85
N PRO A 229 14.69 -10.26 -3.31
CA PRO A 229 15.95 -10.58 -2.63
C PRO A 229 16.89 -9.37 -2.68
N GLN A 230 17.61 -9.10 -1.59
CA GLN A 230 18.47 -7.90 -1.53
CA GLN A 230 18.48 -7.90 -1.51
C GLN A 230 19.49 -7.82 -2.67
N LYS A 231 19.99 -8.98 -3.12
CA LYS A 231 20.99 -9.02 -4.21
C LYS A 231 20.47 -8.40 -5.51
N GLU A 232 19.14 -8.32 -5.65
CA GLU A 232 18.57 -7.86 -6.88
C GLU A 232 18.33 -6.37 -6.89
N LEU A 233 18.45 -5.71 -5.74
CA LEU A 233 18.21 -4.27 -5.70
C LEU A 233 19.13 -3.49 -6.69
N PRO A 234 20.47 -3.77 -6.73
CA PRO A 234 21.26 -3.05 -7.76
C PRO A 234 20.83 -3.37 -9.22
N ASP A 235 20.30 -4.57 -9.47
CA ASP A 235 19.80 -4.95 -10.79
C ASP A 235 18.59 -4.11 -11.18
N LEU A 236 17.68 -3.91 -10.23
CA LEU A 236 16.58 -2.97 -10.39
C LEU A 236 16.99 -1.53 -10.81
N GLU A 237 17.97 -0.96 -10.09
CA GLU A 237 18.46 0.35 -10.45
C GLU A 237 19.04 0.41 -11.84
N ASP A 238 19.90 -0.57 -12.18
CA ASP A 238 20.51 -0.66 -13.51
CA ASP A 238 20.50 -0.62 -13.50
C ASP A 238 19.41 -0.69 -14.57
N LEU A 239 18.37 -1.49 -14.30
CA LEU A 239 17.31 -1.65 -15.29
C LEU A 239 16.56 -0.32 -15.49
N MET A 240 16.24 0.35 -14.38
CA MET A 240 15.48 1.61 -14.49
C MET A 240 16.31 2.69 -15.19
N LYS A 241 17.62 2.72 -14.95
CA LYS A 241 18.50 3.66 -15.67
C LYS A 241 18.55 3.37 -17.15
N ARG A 242 18.82 2.11 -17.49
CA ARG A 242 18.82 1.65 -18.88
C ARG A 242 17.52 2.03 -19.57
N GLU A 243 16.42 1.93 -18.84
CA GLU A 243 15.09 2.16 -19.42
C GLU A 243 14.59 3.61 -19.30
N ASN A 244 15.43 4.49 -18.76
CA ASN A 244 15.12 5.93 -18.69
C ASN A 244 13.88 6.14 -17.83
N GLN A 245 13.82 5.45 -16.68
CA GLN A 245 12.72 5.60 -15.74
C GLN A 245 13.24 6.26 -14.47
N LYS A 246 12.32 6.78 -13.63
CA LYS A 246 12.72 7.66 -12.53
C LYS A 246 13.10 6.87 -11.30
N ILE A 247 14.31 7.12 -10.76
CA ILE A 247 14.71 6.61 -9.45
C ILE A 247 14.66 7.81 -8.47
N LEU A 248 13.79 7.72 -7.47
CA LEU A 248 13.67 8.77 -6.47
C LEU A 248 14.77 8.71 -5.42
N THR A 249 15.15 7.49 -5.06
CA THR A 249 16.15 7.23 -4.04
C THR A 249 16.93 5.98 -4.43
N PRO A 250 18.20 6.15 -4.80
CA PRO A 250 19.11 5.04 -5.07
C PRO A 250 19.25 4.15 -3.83
N LEU A 251 19.81 2.95 -4.01
CA LEU A 251 20.01 2.00 -2.91
C LEU A 251 20.50 2.68 -1.64
N VAL A 252 19.75 2.53 -0.55
CA VAL A 252 20.09 3.15 0.72
C VAL A 252 19.62 2.23 1.87
N SER A 253 20.34 2.28 2.98
CA SER A 253 19.98 1.55 4.19
C SER A 253 19.14 2.43 5.12
N LEU A 254 18.06 1.88 5.65
CA LEU A 254 17.19 2.58 6.59
C LEU A 254 17.20 1.90 7.93
N ASP A 255 17.31 2.71 9.00
CA ASP A 255 17.40 2.21 10.36
C ASP A 255 16.08 2.34 11.08
N THR A 256 15.81 1.37 11.95
CA THR A 256 14.64 1.40 12.82
C THR A 256 15.13 1.05 14.23
N PRO A 257 14.86 1.93 15.21
CA PRO A 257 15.40 1.73 16.57
C PRO A 257 15.11 0.35 17.14
N GLY A 258 16.18 -0.34 17.55
CA GLY A 258 16.08 -1.64 18.17
C GLY A 258 15.73 -2.77 17.23
N LYS A 259 15.71 -2.50 15.92
CA LYS A 259 15.35 -3.52 14.93
C LYS A 259 16.30 -3.57 13.72
N ALA A 260 15.98 -4.46 12.79
CA ALA A 260 16.87 -4.72 11.68
C ALA A 260 16.89 -3.56 10.68
N THR A 261 18.10 -3.23 10.23
CA THR A 261 18.31 -2.30 9.14
C THR A 261 17.95 -3.00 7.82
N VAL A 262 17.23 -2.30 6.97
CA VAL A 262 16.86 -2.84 5.66
C VAL A 262 17.44 -1.98 4.54
N GLN A 263 17.41 -2.50 3.32
CA GLN A 263 17.83 -1.71 2.16
C GLN A 263 16.64 -1.48 1.22
N VAL A 264 16.54 -0.27 0.69
CA VAL A 264 15.48 0.10 -0.24
C VAL A 264 15.98 0.82 -1.51
N VAL A 265 15.17 0.68 -2.57
CA VAL A 265 15.26 1.52 -3.75
C VAL A 265 13.84 2.10 -3.92
N ILE A 266 13.74 3.41 -4.14
CA ILE A 266 12.44 4.06 -4.31
C ILE A 266 12.33 4.56 -5.74
N LEU A 267 11.26 4.15 -6.42
CA LEU A 267 11.03 4.49 -7.81
C LEU A 267 9.85 5.37 -7.91
N ALA A 268 9.70 5.99 -9.08
CA ALA A 268 8.40 6.62 -9.46
C ALA A 268 7.92 5.98 -10.78
N ASP A 269 6.65 5.58 -10.81
CA ASP A 269 6.05 4.98 -12.00
C ASP A 269 5.74 6.09 -13.05
N PRO A 270 5.19 5.72 -14.24
CA PRO A 270 5.08 6.78 -15.25
C PRO A 270 4.16 7.93 -14.82
N ASP A 271 3.32 7.73 -13.81
CA ASP A 271 2.50 8.83 -13.36
C ASP A 271 3.00 9.44 -12.05
N GLY A 272 4.19 9.05 -11.61
CA GLY A 272 4.79 9.64 -10.40
C GLY A 272 4.39 8.90 -9.10
N HIS A 273 3.69 7.77 -9.22
CA HIS A 273 3.36 6.98 -8.01
C HIS A 273 4.63 6.44 -7.44
N GLU A 274 4.82 6.63 -6.13
CA GLU A 274 6.03 6.14 -5.45
C GLU A 274 5.98 4.65 -5.17
N ILE A 275 7.10 3.96 -5.43
CA ILE A 275 7.22 2.53 -5.19
C ILE A 275 8.48 2.22 -4.39
N CYS A 276 8.35 1.45 -3.32
CA CYS A 276 9.51 1.00 -2.61
C CYS A 276 9.77 -0.50 -2.90
N PHE A 277 11.00 -0.85 -3.31
CA PHE A 277 11.47 -2.21 -3.24
C PHE A 277 12.42 -2.33 -2.07
N VAL A 278 12.15 -3.29 -1.17
CA VAL A 278 13.00 -3.55 -0.02
C VAL A 278 13.57 -4.98 -0.07
N GLY A 279 14.82 -5.17 0.39
CA GLY A 279 15.43 -6.50 0.47
C GLY A 279 14.64 -7.40 1.42
N ASP A 280 14.14 -8.52 0.90
CA ASP A 280 13.18 -9.34 1.63
C ASP A 280 13.75 -9.98 2.92
N GLU A 281 15.00 -10.43 2.88
CA GLU A 281 15.54 -11.18 4.02
C GLU A 281 15.55 -10.28 5.29
N ALA A 282 16.08 -9.07 5.14
CA ALA A 282 16.11 -8.11 6.23
C ALA A 282 14.73 -7.59 6.55
N PHE A 283 13.88 -7.42 5.54
CA PHE A 283 12.52 -6.95 5.82
C PHE A 283 11.74 -7.92 6.73
N ARG A 284 11.89 -9.23 6.49
CA ARG A 284 11.25 -10.26 7.33
C ARG A 284 11.68 -10.18 8.79
N GLU A 285 12.94 -9.86 9.04
CA GLU A 285 13.41 -9.60 10.42
C GLU A 285 12.78 -8.36 11.03
N LEU A 286 12.76 -7.26 10.27
CA LEU A 286 12.18 -6.01 10.71
C LEU A 286 10.69 -6.13 11.01
N SER A 287 9.97 -6.91 10.19
CA SER A 287 8.49 -6.89 10.20
C SER A 287 7.83 -7.99 11.03
N LYS A 288 8.61 -8.59 11.93
CA LYS A 288 8.03 -9.46 12.95
C LYS A 288 6.87 -8.77 13.67
N MET A 289 5.76 -9.49 13.83
CA MET A 289 4.56 -8.94 14.46
C MET A 289 4.75 -8.87 15.98
N ASP A 290 4.45 -7.71 16.56
CA ASP A 290 4.60 -7.51 17.99
C ASP A 290 3.34 -8.06 18.72
N PRO A 291 3.52 -9.04 19.64
CA PRO A 291 2.39 -9.62 20.39
C PRO A 291 1.60 -8.64 21.29
N GLU A 292 2.18 -7.49 21.61
CA GLU A 292 1.52 -6.51 22.47
C GLU A 292 1.07 -5.28 21.68
N GLY A 293 0.89 -5.48 20.37
CA GLY A 293 0.55 -4.41 19.46
C GLY A 293 -0.66 -3.58 19.87
N SER A 294 -1.71 -4.23 20.34
CA SER A 294 -2.97 -3.53 20.70
C SER A 294 -2.82 -2.42 21.75
N ASN A 295 -1.80 -2.52 22.59
CA ASN A 295 -1.51 -1.48 23.58
C ASN A 295 -1.05 -0.19 22.89
N CYS A 296 -0.77 -0.30 21.59
CA CYS A 296 -0.21 0.80 20.81
C CYS A 296 -1.22 1.69 20.06
N TRP A 297 -2.53 1.33 20.06
CA TRP A 297 -3.53 2.29 19.53
C TRP A 297 -3.51 3.54 20.35
N ILE A 298 -3.69 4.68 19.72
CA ILE A 298 -3.57 5.93 20.45
C ILE A 298 -4.62 6.09 21.59
N ASP A 299 -5.78 5.46 21.43
CA ASP A 299 -6.86 5.57 22.41
C ASP A 299 -6.95 4.37 23.38
N SER A 300 -5.95 3.48 23.34
CA SER A 300 -5.94 2.28 24.20
C SER A 300 -5.85 2.62 25.69
C1 EDO B . -26.66 -6.84 3.11
O1 EDO B . -26.65 -5.49 3.54
C2 EDO B . -26.72 -7.77 4.32
O2 EDO B . -25.53 -7.61 5.09
C1 EDO C . -18.32 -9.07 -4.13
O1 EDO C . -17.97 -8.36 -5.32
C2 EDO C . -19.28 -8.18 -3.37
O2 EDO C . -19.75 -8.81 -2.16
C1 EDO D . 12.43 4.94 7.75
O1 EDO D . 11.24 4.21 7.36
C2 EDO D . 13.35 4.06 8.57
O2 EDO D . 12.66 2.88 9.04
C1 EDO E . 0.42 -11.63 0.86
O1 EDO E . 1.87 -11.69 0.76
C2 EDO E . -0.20 -10.25 0.59
O2 EDO E . 0.18 -9.66 -0.68
#